data_6JQ8
#
_entry.id   6JQ8
#
_cell.length_a   80.526
_cell.length_b   80.526
_cell.length_c   53.081
_cell.angle_alpha   90.00
_cell.angle_beta   90.00
_cell.angle_gamma   90.00
#
_symmetry.space_group_name_H-M   'P 43'
#
loop_
_entity.id
_entity.type
_entity.pdbx_description
1 polymer 'Putative 6-deoxy-D-mannoheptose pathway protein'
2 non-polymer 'MAGNESIUM ION'
3 non-polymer 'AMINOPHOSPHONIC ACID-GUANYLATE ESTER'
4 non-polymer 'CITRIC ACID'
5 water water
#
_entity_poly.entity_id   1
_entity_poly.type   'polypeptide(L)'
_entity_poly.pdbx_seq_one_letter_code
;MYDVVILAGGLGTRLKSVSGDIPKPMVDISGKPFLYRLMEYLEDQGVQRIILSLSYKADYIIDSVIKDNPVNSKVDFIIE
NEPLGTGGAIKNACKYIEASKFIVINGDTYCELDYKKFIESSLDSDLQISGVEVDDVCRYGSLDIDHDFHVNSIVEKGRQ
GTGIINSGTYILSKKIIEDYPHDKFSFELDFLPKFTGVFKAFVTKAYFIDIGIPEDYYKACEKFK
;
_entity_poly.pdbx_strand_id   A
#
loop_
_chem_comp.id
_chem_comp.type
_chem_comp.name
_chem_comp.formula
CIT non-polymer 'CITRIC ACID' 'C6 H8 O7'
GNH non-polymer 'AMINOPHOSPHONIC ACID-GUANYLATE ESTER' 'C10 H16 N6 O10 P2'
MG non-polymer 'MAGNESIUM ION' 'Mg 2'
#
# COMPACT_ATOMS: atom_id res chain seq x y z
N MET A 1 -12.29 -10.23 -8.44
CA MET A 1 -11.19 -9.49 -7.83
C MET A 1 -11.53 -8.00 -7.75
N TYR A 2 -11.19 -7.37 -6.63
CA TYR A 2 -11.53 -5.98 -6.38
C TYR A 2 -10.64 -5.05 -7.19
N ASP A 3 -11.14 -3.82 -7.39
CA ASP A 3 -10.31 -2.70 -7.85
C ASP A 3 -9.18 -2.47 -6.85
N VAL A 4 -8.01 -2.08 -7.36
CA VAL A 4 -6.83 -1.79 -6.52
C VAL A 4 -6.43 -0.33 -6.69
N VAL A 5 -6.35 0.40 -5.57
CA VAL A 5 -5.76 1.74 -5.55
C VAL A 5 -4.33 1.62 -5.05
N ILE A 6 -3.36 2.10 -5.82
CA ILE A 6 -1.97 2.13 -5.38
C ILE A 6 -1.64 3.57 -5.00
N LEU A 7 -1.22 3.77 -3.75
CA LEU A 7 -0.86 5.12 -3.28
C LEU A 7 0.58 5.36 -3.68
N ALA A 8 0.82 6.32 -4.58
CA ALA A 8 2.21 6.52 -5.03
C ALA A 8 2.53 7.99 -5.21
N GLY A 9 1.97 8.87 -4.38
CA GLY A 9 2.10 10.30 -4.55
C GLY A 9 3.01 10.98 -3.56
N GLY A 10 3.65 10.22 -2.66
CA GLY A 10 4.55 10.80 -1.69
C GLY A 10 5.87 11.27 -2.29
N LEU A 11 6.68 11.87 -1.44
CA LEU A 11 8.00 12.37 -1.86
C LEU A 11 8.97 11.22 -2.07
N GLY A 12 10.19 11.56 -2.51
CA GLY A 12 11.26 10.60 -2.59
C GLY A 12 11.69 10.15 -1.20
N THR A 13 12.67 9.23 -1.18
CA THR A 13 13.14 8.65 0.08
C THR A 13 13.62 9.74 1.03
N ARG A 14 13.29 9.59 2.31
CA ARG A 14 13.71 10.54 3.35
C ARG A 14 14.31 9.72 4.49
N LEU A 15 15.65 9.63 4.49
CA LEU A 15 16.41 9.01 5.56
C LEU A 15 17.10 10.11 6.37
N LYS A 16 17.79 9.70 7.43
CA LYS A 16 18.44 10.67 8.30
C LYS A 16 19.43 11.54 7.53
N SER A 17 20.22 10.92 6.66
CA SER A 17 21.30 11.62 5.98
C SER A 17 21.15 11.65 4.47
N VAL A 18 20.21 10.90 3.90
CA VAL A 18 20.03 10.80 2.45
C VAL A 18 18.59 11.15 2.11
N SER A 19 18.41 12.04 1.13
CA SER A 19 17.10 12.38 0.59
C SER A 19 17.12 12.11 -0.91
N GLY A 20 16.10 11.40 -1.40
CA GLY A 20 16.03 11.03 -2.79
C GLY A 20 15.18 11.98 -3.62
N ASP A 21 15.47 12.03 -4.92
CA ASP A 21 14.68 12.80 -5.86
C ASP A 21 13.67 11.95 -6.62
N ILE A 22 14.08 10.75 -7.03
CA ILE A 22 13.16 9.85 -7.72
C ILE A 22 12.04 9.45 -6.78
N PRO A 23 10.79 9.37 -7.24
CA PRO A 23 9.75 8.75 -6.41
C PRO A 23 10.16 7.34 -6.02
N LYS A 24 9.93 6.99 -4.75
CA LYS A 24 10.33 5.66 -4.27
C LYS A 24 9.79 4.52 -5.12
N PRO A 25 8.54 4.53 -5.58
CA PRO A 25 8.04 3.43 -6.40
C PRO A 25 8.72 3.33 -7.75
N MET A 26 9.46 4.35 -8.20
CA MET A 26 10.11 4.32 -9.51
C MET A 26 11.58 3.90 -9.45
N VAL A 27 12.10 3.55 -8.28
CA VAL A 27 13.48 3.08 -8.19
C VAL A 27 13.66 1.84 -9.06
N ASP A 28 14.80 1.74 -9.76
CA ASP A 28 14.98 0.63 -10.69
C ASP A 28 15.31 -0.65 -9.93
N ILE A 29 14.55 -1.70 -10.21
CA ILE A 29 14.75 -3.01 -9.58
C ILE A 29 15.12 -3.98 -10.70
N SER A 30 16.43 -4.14 -10.93
CA SER A 30 16.96 -5.07 -11.93
C SER A 30 16.28 -4.90 -13.30
N GLY A 31 16.19 -3.65 -13.74
CA GLY A 31 15.76 -3.33 -15.08
C GLY A 31 14.35 -2.79 -15.22
N LYS A 32 13.51 -2.88 -14.19
CA LYS A 32 12.15 -2.35 -14.22
C LYS A 32 11.90 -1.52 -12.97
N PRO A 33 11.07 -0.47 -13.06
CA PRO A 33 10.68 0.25 -11.84
C PRO A 33 10.03 -0.69 -10.83
N PHE A 34 10.32 -0.44 -9.56
CA PHE A 34 9.67 -1.17 -8.46
C PHE A 34 8.16 -1.25 -8.66
N LEU A 35 7.54 -0.11 -8.99
CA LEU A 35 6.08 -0.07 -9.24
C LEU A 35 5.65 -1.06 -10.31
N TYR A 36 6.47 -1.22 -11.36
CA TYR A 36 6.11 -2.14 -12.43
C TYR A 36 6.04 -3.57 -11.91
N ARG A 37 6.99 -3.96 -11.07
CA ARG A 37 6.98 -5.31 -10.53
C ARG A 37 5.79 -5.54 -9.62
N LEU A 38 5.41 -4.52 -8.84
CA LEU A 38 4.18 -4.61 -8.06
C LEU A 38 2.96 -4.80 -8.96
N MET A 39 2.89 -4.01 -10.04
CA MET A 39 1.74 -4.12 -10.95
C MET A 39 1.70 -5.49 -11.62
N GLU A 40 2.86 -6.02 -12.02
CA GLU A 40 2.90 -7.35 -12.63
C GLU A 40 2.35 -8.41 -11.68
N TYR A 41 2.76 -8.33 -10.40
CA TYR A 41 2.25 -9.29 -9.42
C TYR A 41 0.74 -9.18 -9.29
N LEU A 42 0.24 -7.94 -9.25
CA LEU A 42 -1.21 -7.77 -9.12
C LEU A 42 -1.94 -8.35 -10.31
N GLU A 43 -1.39 -8.16 -11.52
CA GLU A 43 -2.01 -8.74 -12.71
C GLU A 43 -2.01 -10.26 -12.63
N ASP A 44 -0.89 -10.85 -12.17
CA ASP A 44 -0.83 -12.30 -11.94
C ASP A 44 -1.91 -12.76 -10.97
N GLN A 45 -2.27 -11.92 -10.00
CA GLN A 45 -3.30 -12.23 -9.01
C GLN A 45 -4.72 -12.03 -9.54
N GLY A 46 -4.87 -11.61 -10.79
CA GLY A 46 -6.17 -11.43 -11.37
C GLY A 46 -6.72 -10.02 -11.30
N VAL A 47 -5.91 -9.04 -10.90
CA VAL A 47 -6.40 -7.67 -10.81
C VAL A 47 -6.63 -7.14 -12.22
N GLN A 48 -7.81 -6.58 -12.45
CA GLN A 48 -8.11 -6.07 -13.80
C GLN A 48 -8.19 -4.56 -13.85
N ARG A 49 -8.20 -3.89 -12.70
CA ARG A 49 -8.32 -2.42 -12.69
C ARG A 49 -7.44 -1.87 -11.58
N ILE A 50 -6.47 -1.09 -12.00
CA ILE A 50 -5.52 -0.44 -11.08
C ILE A 50 -5.69 1.07 -11.21
N ILE A 51 -5.86 1.73 -10.08
CA ILE A 51 -5.91 3.18 -9.99
C ILE A 51 -4.62 3.63 -9.33
N LEU A 52 -3.85 4.48 -10.01
CA LEU A 52 -2.63 5.04 -9.45
C LEU A 52 -2.95 6.44 -8.92
N SER A 53 -2.81 6.59 -7.62
CA SER A 53 -3.08 7.84 -6.92
C SER A 53 -1.75 8.57 -6.74
N LEU A 54 -1.60 9.67 -7.48
CA LEU A 54 -0.31 10.36 -7.63
C LEU A 54 -0.35 11.82 -7.20
N SER A 55 0.84 12.35 -6.99
CA SER A 55 1.01 13.78 -6.66
C SER A 55 2.43 14.20 -7.03
N TYR A 56 3.40 13.78 -6.25
CA TYR A 56 4.81 14.14 -6.53
C TYR A 56 5.27 13.52 -7.85
N LYS A 57 5.72 14.38 -8.74
CA LYS A 57 6.25 13.95 -10.04
C LYS A 57 5.25 13.03 -10.74
N ALA A 58 3.96 13.38 -10.65
CA ALA A 58 2.93 12.54 -11.28
C ALA A 58 3.15 12.39 -12.78
N ASP A 59 3.59 13.46 -13.45
CA ASP A 59 3.79 13.40 -14.89
C ASP A 59 4.94 12.48 -15.27
N TYR A 60 6.00 12.41 -14.44
CA TYR A 60 7.07 11.47 -14.68
C TYR A 60 6.57 10.02 -14.64
N ILE A 61 5.75 9.70 -13.63
CA ILE A 61 5.24 8.34 -13.48
C ILE A 61 4.31 8.00 -14.63
N ILE A 62 3.38 8.90 -14.95
CA ILE A 62 2.44 8.63 -16.03
C ILE A 62 3.18 8.47 -17.35
N ASP A 63 4.11 9.39 -17.65
CA ASP A 63 4.87 9.31 -18.89
C ASP A 63 5.59 7.95 -18.99
N SER A 64 6.15 7.48 -17.87
CA SER A 64 6.83 6.20 -17.89
C SER A 64 5.89 5.08 -18.27
N VAL A 65 4.68 5.08 -17.72
CA VAL A 65 3.73 4.01 -17.97
C VAL A 65 3.14 4.12 -19.36
N ILE A 66 2.95 5.34 -19.87
CA ILE A 66 2.49 5.54 -21.24
C ILE A 66 3.44 4.86 -22.22
N LYS A 67 4.75 4.98 -21.96
CA LYS A 67 5.79 4.42 -22.82
C LYS A 67 5.93 2.92 -22.63
N ASP A 68 5.94 2.45 -21.38
CA ASP A 68 6.18 1.04 -21.08
C ASP A 68 5.22 0.66 -19.94
N ASN A 69 4.07 0.10 -20.30
CA ASN A 69 3.13 -0.37 -19.30
C ASN A 69 3.32 -1.86 -19.11
N PRO A 70 3.67 -2.33 -17.91
CA PRO A 70 3.97 -3.76 -17.73
C PRO A 70 2.74 -4.67 -17.74
N VAL A 71 1.52 -4.13 -17.69
CA VAL A 71 0.33 -4.96 -17.54
C VAL A 71 -0.70 -4.62 -18.61
N ASN A 72 -1.65 -5.53 -18.77
CA ASN A 72 -2.81 -5.33 -19.63
C ASN A 72 -4.07 -5.04 -18.83
N SER A 73 -4.00 -5.03 -17.50
CA SER A 73 -5.10 -4.50 -16.70
C SER A 73 -5.36 -3.06 -17.10
N LYS A 74 -6.60 -2.61 -16.89
CA LYS A 74 -6.89 -1.19 -17.02
C LYS A 74 -6.13 -0.40 -15.96
N VAL A 75 -5.61 0.76 -16.35
CA VAL A 75 -4.84 1.64 -15.47
C VAL A 75 -5.42 3.04 -15.59
N ASP A 76 -5.94 3.56 -14.47
CA ASP A 76 -6.42 4.94 -14.39
C ASP A 76 -5.49 5.75 -13.51
N PHE A 77 -5.44 7.05 -13.75
CA PHE A 77 -4.60 7.95 -12.99
C PHE A 77 -5.45 8.98 -12.29
N ILE A 78 -5.05 9.34 -11.07
CA ILE A 78 -5.66 10.45 -10.38
C ILE A 78 -4.51 11.30 -9.84
N ILE A 79 -4.51 12.58 -10.20
CA ILE A 79 -3.44 13.50 -9.84
C ILE A 79 -3.94 14.44 -8.75
N GLU A 80 -3.18 14.53 -7.67
CA GLU A 80 -3.41 15.50 -6.61
C GLU A 80 -2.49 16.70 -6.83
N ASN A 81 -3.07 17.88 -7.08
CA ASN A 81 -2.23 19.06 -7.23
C ASN A 81 -1.48 19.38 -5.95
N GLU A 82 -2.18 19.27 -4.82
CA GLU A 82 -1.58 19.38 -3.50
C GLU A 82 -1.75 18.04 -2.80
N PRO A 83 -0.69 17.47 -2.22
CA PRO A 83 -0.81 16.14 -1.59
C PRO A 83 -1.93 16.11 -0.57
N LEU A 84 -2.80 15.11 -0.69
CA LEU A 84 -3.97 14.98 0.18
C LEU A 84 -3.71 14.13 1.41
N GLY A 85 -2.47 13.65 1.60
CA GLY A 85 -2.16 12.68 2.64
C GLY A 85 -2.62 11.30 2.22
N THR A 86 -2.21 10.28 2.99
CA THR A 86 -2.60 8.91 2.64
C THR A 86 -4.11 8.74 2.75
N GLY A 87 -4.70 9.35 3.78
CA GLY A 87 -6.14 9.22 3.96
C GLY A 87 -6.91 10.02 2.93
N GLY A 88 -6.50 11.26 2.70
CA GLY A 88 -7.12 12.06 1.65
C GLY A 88 -7.00 11.42 0.29
N ALA A 89 -5.85 10.79 0.01
CA ALA A 89 -5.70 10.08 -1.26
C ALA A 89 -6.74 8.98 -1.41
N ILE A 90 -6.99 8.23 -0.34
CA ILE A 90 -7.96 7.13 -0.40
C ILE A 90 -9.37 7.70 -0.57
N LYS A 91 -9.72 8.73 0.21
CA LYS A 91 -11.01 9.38 0.07
C LYS A 91 -11.24 9.84 -1.36
N ASN A 92 -10.22 10.47 -1.95
CA ASN A 92 -10.27 10.99 -3.32
C ASN A 92 -10.47 9.88 -4.34
N ALA A 93 -9.77 8.75 -4.15
CA ALA A 93 -9.91 7.65 -5.09
C ALA A 93 -11.29 7.01 -5.05
N CYS A 94 -12.01 7.13 -3.93
CA CYS A 94 -13.37 6.59 -3.84
C CYS A 94 -14.27 7.06 -5.00
N LYS A 95 -14.05 8.28 -5.50
CA LYS A 95 -14.80 8.83 -6.65
C LYS A 95 -14.83 7.87 -7.83
N TYR A 96 -13.71 7.19 -8.07
CA TYR A 96 -13.54 6.33 -9.24
C TYR A 96 -14.13 4.93 -9.05
N ILE A 97 -14.57 4.59 -7.85
CA ILE A 97 -14.87 3.21 -7.48
C ILE A 97 -16.40 3.05 -7.45
N GLU A 98 -16.92 2.18 -8.30
CA GLU A 98 -18.35 1.90 -8.31
C GLU A 98 -18.75 0.82 -7.32
N ALA A 99 -17.85 -0.11 -7.02
CA ALA A 99 -18.09 -1.20 -6.09
C ALA A 99 -18.16 -0.68 -4.66
N SER A 100 -18.66 -1.53 -3.77
CA SER A 100 -18.74 -1.16 -2.37
C SER A 100 -17.41 -1.30 -1.62
N LYS A 101 -16.50 -2.16 -2.09
CA LYS A 101 -15.22 -2.41 -1.42
C LYS A 101 -14.10 -2.38 -2.44
N PHE A 102 -12.88 -2.10 -1.96
CA PHE A 102 -11.70 -2.10 -2.82
C PHE A 102 -10.44 -2.31 -1.98
N ILE A 103 -9.32 -2.50 -2.68
CA ILE A 103 -8.00 -2.73 -2.09
C ILE A 103 -7.18 -1.46 -2.18
N VAL A 104 -6.47 -1.12 -1.12
CA VAL A 104 -5.46 -0.06 -1.10
C VAL A 104 -4.10 -0.68 -0.83
N ILE A 105 -3.09 -0.28 -1.63
CA ILE A 105 -1.71 -0.75 -1.43
C ILE A 105 -0.77 0.44 -1.47
N ASN A 106 0.24 0.44 -0.59
CA ASN A 106 1.29 1.43 -0.69
C ASN A 106 2.23 1.11 -1.85
N GLY A 107 2.43 2.09 -2.74
CA GLY A 107 3.32 1.93 -3.87
C GLY A 107 4.77 1.63 -3.52
N ASP A 108 5.19 1.88 -2.29
CA ASP A 108 6.56 1.55 -1.95
C ASP A 108 6.68 0.17 -1.32
N THR A 109 5.63 -0.66 -1.38
CA THR A 109 5.67 -2.00 -0.83
C THR A 109 5.43 -3.04 -1.91
N TYR A 110 6.08 -4.19 -1.74
CA TYR A 110 5.89 -5.33 -2.62
C TYR A 110 5.69 -6.54 -1.72
N CYS A 111 4.52 -7.16 -1.81
CA CYS A 111 4.17 -8.27 -0.94
C CYS A 111 3.54 -9.36 -1.77
N GLU A 112 4.07 -10.58 -1.67
CA GLU A 112 3.55 -11.70 -2.44
C GLU A 112 2.36 -12.31 -1.69
N LEU A 113 1.31 -11.50 -1.57
CA LEU A 113 0.11 -11.83 -0.83
C LEU A 113 -0.85 -12.64 -1.70
N ASP A 114 -1.65 -13.48 -1.04
CA ASP A 114 -2.74 -14.19 -1.70
C ASP A 114 -3.98 -13.30 -1.58
N TYR A 115 -4.24 -12.48 -2.60
CA TYR A 115 -5.33 -11.50 -2.52
C TYR A 115 -6.70 -12.16 -2.50
N LYS A 116 -6.85 -13.33 -3.12
CA LYS A 116 -8.13 -14.03 -3.01
C LYS A 116 -8.40 -14.42 -1.56
N LYS A 117 -7.40 -14.96 -0.86
CA LYS A 117 -7.62 -15.30 0.55
C LYS A 117 -7.79 -14.05 1.41
N PHE A 118 -7.13 -12.95 1.05
CA PHE A 118 -7.30 -11.68 1.76
C PHE A 118 -8.74 -11.18 1.61
N ILE A 119 -9.27 -11.22 0.39
CA ILE A 119 -10.66 -10.81 0.16
C ILE A 119 -11.62 -11.69 0.98
N GLU A 120 -11.40 -13.00 0.96
CA GLU A 120 -12.28 -13.89 1.72
C GLU A 120 -12.26 -13.56 3.20
N SER A 121 -11.07 -13.33 3.76
CA SER A 121 -10.95 -12.99 5.17
C SER A 121 -11.62 -11.67 5.51
N SER A 122 -11.78 -10.79 4.53
CA SER A 122 -12.30 -9.45 4.79
C SER A 122 -13.82 -9.38 4.68
N LEU A 123 -14.49 -10.49 4.35
CA LEU A 123 -15.91 -10.41 4.02
C LEU A 123 -16.75 -9.91 5.18
N ASP A 124 -16.36 -10.18 6.42
CA ASP A 124 -17.19 -9.80 7.56
C ASP A 124 -16.72 -8.50 8.22
N SER A 125 -16.05 -7.63 7.47
CA SER A 125 -15.51 -6.41 8.04
C SER A 125 -15.69 -5.26 7.07
N ASP A 126 -15.56 -4.03 7.58
CA ASP A 126 -15.46 -2.87 6.71
C ASP A 126 -14.05 -2.35 6.58
N LEU A 127 -13.14 -2.92 7.32
CA LEU A 127 -11.71 -2.56 7.21
C LEU A 127 -10.86 -3.76 7.63
N GLN A 128 -9.96 -4.15 6.77
CA GLN A 128 -9.06 -5.28 7.08
C GLN A 128 -7.66 -4.90 6.64
N ILE A 129 -6.67 -5.17 7.48
CA ILE A 129 -5.26 -4.85 7.12
C ILE A 129 -4.49 -6.14 6.90
N SER A 130 -3.58 -6.13 5.97
CA SER A 130 -2.66 -7.25 5.78
C SER A 130 -1.49 -7.11 6.73
N GLY A 131 -1.32 -8.09 7.62
CA GLY A 131 -0.19 -8.13 8.53
C GLY A 131 0.73 -9.29 8.17
N VAL A 132 2.02 -9.01 8.12
CA VAL A 132 3.00 -9.98 7.63
C VAL A 132 3.88 -10.42 8.78
N GLU A 133 3.79 -11.71 9.12
CA GLU A 133 4.57 -12.28 10.20
C GLU A 133 6.01 -12.52 9.77
N VAL A 134 6.96 -11.96 10.52
CA VAL A 134 8.38 -12.12 10.22
C VAL A 134 9.14 -12.42 11.50
N ASP A 135 10.31 -13.06 11.33
CA ASP A 135 11.15 -13.41 12.47
C ASP A 135 11.87 -12.19 13.03
N ASP A 136 12.20 -11.21 12.20
CA ASP A 136 12.83 -9.97 12.65
C ASP A 136 11.99 -8.79 12.15
N VAL A 137 11.26 -8.14 13.05
CA VAL A 137 10.39 -7.03 12.71
C VAL A 137 11.05 -5.67 12.95
N CYS A 138 12.32 -5.66 13.33
CA CYS A 138 12.95 -4.44 13.87
C CYS A 138 12.85 -3.26 12.91
N ARG A 139 13.13 -3.49 11.64
CA ARG A 139 13.14 -2.38 10.68
C ARG A 139 11.76 -1.96 10.21
N TYR A 140 10.69 -2.61 10.66
CA TYR A 140 9.34 -2.35 10.19
C TYR A 140 8.46 -1.81 11.29
N GLY A 141 7.52 -0.94 10.92
CA GLY A 141 6.35 -0.73 11.78
C GLY A 141 5.56 -2.01 11.92
N SER A 142 4.89 -2.18 13.07
CA SER A 142 4.22 -3.44 13.36
C SER A 142 2.81 -3.21 13.89
N LEU A 143 2.08 -4.31 14.05
CA LEU A 143 0.69 -4.29 14.47
C LEU A 143 0.54 -4.95 15.84
N ASP A 144 -0.19 -4.30 16.71
CA ASP A 144 -0.60 -4.82 18.00
C ASP A 144 -2.04 -5.32 17.88
N ILE A 145 -2.21 -6.65 17.82
CA ILE A 145 -3.52 -7.25 17.62
C ILE A 145 -3.82 -8.20 18.79
N ASP A 146 -5.10 -8.45 19.03
CA ASP A 146 -5.49 -9.35 20.11
C ASP A 146 -5.66 -10.77 19.55
N HIS A 147 -6.21 -11.66 20.38
CA HIS A 147 -6.24 -13.08 20.02
C HIS A 147 -7.39 -13.43 19.08
N ASP A 148 -8.22 -12.46 18.70
CA ASP A 148 -9.14 -12.58 17.58
C ASP A 148 -8.66 -11.78 16.39
N PHE A 149 -7.43 -11.25 16.46
CA PHE A 149 -6.77 -10.47 15.43
C PHE A 149 -7.42 -9.11 15.22
N HIS A 150 -8.17 -8.63 16.21
CA HIS A 150 -8.60 -7.24 16.19
C HIS A 150 -7.39 -6.33 16.33
N VAL A 151 -7.31 -5.29 15.51
CA VAL A 151 -6.17 -4.39 15.56
C VAL A 151 -6.38 -3.39 16.68
N ASN A 152 -5.47 -3.39 17.65
CA ASN A 152 -5.55 -2.45 18.76
C ASN A 152 -4.77 -1.19 18.48
N SER A 153 -3.54 -1.30 17.97
CA SER A 153 -2.74 -0.11 17.69
C SER A 153 -1.69 -0.44 16.64
N ILE A 154 -1.08 0.62 16.11
CA ILE A 154 0.06 0.52 15.21
C ILE A 154 1.30 0.90 16.00
N VAL A 155 2.34 0.09 15.88
CA VAL A 155 3.55 0.21 16.68
C VAL A 155 4.67 0.71 15.79
N GLU A 156 5.51 1.59 16.34
CA GLU A 156 6.63 2.14 15.61
C GLU A 156 7.76 1.12 15.51
N LYS A 157 8.60 1.30 14.50
CA LYS A 157 9.72 0.39 14.30
C LYS A 157 10.71 0.50 15.45
N GLY A 158 11.63 -0.47 15.49
CA GLY A 158 12.60 -0.53 16.57
C GLY A 158 12.22 -1.57 17.61
N ARG A 159 12.00 -2.80 17.15
CA ARG A 159 11.57 -3.89 18.02
C ARG A 159 12.24 -5.16 17.51
N GLN A 160 13.20 -5.68 18.28
CA GLN A 160 13.89 -6.91 17.91
C GLN A 160 12.97 -8.11 18.06
N GLY A 161 13.27 -9.16 17.30
CA GLY A 161 12.49 -10.38 17.39
C GLY A 161 11.31 -10.41 16.43
N THR A 162 10.38 -11.31 16.74
CA THR A 162 9.25 -11.55 15.86
C THR A 162 8.20 -10.45 15.98
N GLY A 163 7.43 -10.29 14.91
CA GLY A 163 6.33 -9.35 14.95
C GLY A 163 5.54 -9.45 13.67
N ILE A 164 4.50 -8.63 13.59
CA ILE A 164 3.58 -8.62 12.46
C ILE A 164 3.72 -7.27 11.79
N ILE A 165 4.23 -7.25 10.56
CA ILE A 165 4.52 -6.01 9.85
C ILE A 165 3.23 -5.28 9.53
N ASN A 166 3.21 -3.96 9.79
CA ASN A 166 2.18 -3.06 9.28
C ASN A 166 2.45 -2.82 7.80
N SER A 167 1.79 -3.60 6.94
CA SER A 167 2.07 -3.55 5.50
C SER A 167 1.52 -2.29 4.82
N GLY A 168 0.53 -1.63 5.40
CA GLY A 168 -0.17 -0.56 4.71
C GLY A 168 -1.15 -0.99 3.63
N THR A 169 -1.37 -2.30 3.45
CA THR A 169 -2.32 -2.82 2.48
C THR A 169 -3.62 -3.14 3.20
N TYR A 170 -4.74 -2.66 2.62
CA TYR A 170 -6.05 -2.74 3.24
C TYR A 170 -7.10 -3.20 2.24
N ILE A 171 -8.16 -3.80 2.75
CA ILE A 171 -9.43 -3.90 2.05
C ILE A 171 -10.46 -3.13 2.86
N LEU A 172 -11.20 -2.24 2.21
CA LEU A 172 -12.15 -1.42 2.95
C LEU A 172 -13.46 -1.25 2.18
N SER A 173 -14.53 -1.02 2.95
CA SER A 173 -15.78 -0.53 2.38
C SER A 173 -15.65 0.96 2.16
N LYS A 174 -15.88 1.41 0.91
CA LYS A 174 -15.68 2.83 0.63
C LYS A 174 -16.57 3.72 1.50
N LYS A 175 -17.69 3.21 2.02
CA LYS A 175 -18.57 4.04 2.84
C LYS A 175 -17.87 4.56 4.09
N ILE A 176 -16.83 3.88 4.58
CA ILE A 176 -16.22 4.35 5.82
C ILE A 176 -15.40 5.61 5.65
N ILE A 177 -15.07 5.99 4.42
CA ILE A 177 -14.09 7.06 4.22
C ILE A 177 -14.50 8.04 3.11
N GLU A 178 -15.44 7.65 2.23
CA GLU A 178 -15.73 8.49 1.08
C GLU A 178 -16.20 9.89 1.50
N ASP A 179 -16.87 9.98 2.65
CA ASP A 179 -17.40 11.23 3.19
C ASP A 179 -16.70 11.66 4.47
N TYR A 180 -15.48 11.21 4.72
CA TYR A 180 -14.71 11.75 5.82
C TYR A 180 -14.67 13.28 5.70
N PRO A 181 -14.85 14.02 6.80
CA PRO A 181 -15.13 15.47 6.65
C PRO A 181 -13.97 16.28 6.12
N HIS A 182 -12.74 15.79 6.19
CA HIS A 182 -11.58 16.50 5.67
C HIS A 182 -11.17 15.94 4.31
N ASP A 183 -10.65 16.82 3.45
CA ASP A 183 -10.05 16.37 2.19
C ASP A 183 -8.57 16.00 2.33
N LYS A 184 -7.86 16.54 3.31
CA LYS A 184 -6.47 16.23 3.56
C LYS A 184 -6.34 15.60 4.94
N PHE A 185 -5.77 14.40 5.01
CA PHE A 185 -5.54 13.74 6.29
C PHE A 185 -4.72 12.48 6.07
N SER A 186 -4.16 11.99 7.17
CA SER A 186 -3.38 10.77 7.22
C SER A 186 -4.30 9.60 7.56
N PHE A 187 -4.22 8.52 6.79
CA PHE A 187 -5.03 7.35 7.11
C PHE A 187 -4.65 6.80 8.48
N GLU A 188 -3.35 6.57 8.70
CA GLU A 188 -2.90 5.97 9.95
C GLU A 188 -3.08 6.91 11.13
N LEU A 189 -2.75 8.18 10.96
CA LEU A 189 -2.65 9.08 12.10
C LEU A 189 -3.95 9.81 12.40
N ASP A 190 -4.80 10.04 11.40
CA ASP A 190 -6.06 10.76 11.58
C ASP A 190 -7.28 9.86 11.50
N PHE A 191 -7.31 8.95 10.54
CA PHE A 191 -8.51 8.15 10.34
C PHE A 191 -8.61 6.98 11.32
N LEU A 192 -7.59 6.13 11.36
CA LEU A 192 -7.68 4.93 12.19
C LEU A 192 -7.99 5.21 13.66
N PRO A 193 -7.41 6.22 14.32
CA PRO A 193 -7.78 6.48 15.73
C PRO A 193 -9.24 6.78 15.92
N LYS A 194 -9.93 7.30 14.91
CA LYS A 194 -11.36 7.62 15.01
C LYS A 194 -12.27 6.49 14.59
N PHE A 195 -11.81 5.58 13.73
CA PHE A 195 -12.68 4.57 13.17
C PHE A 195 -13.19 3.63 14.26
N THR A 196 -14.50 3.43 14.30
CA THR A 196 -15.14 2.63 15.34
C THR A 196 -15.67 1.29 14.85
N GLY A 197 -15.54 0.98 13.57
CA GLY A 197 -16.03 -0.29 13.06
C GLY A 197 -15.06 -1.42 13.33
N VAL A 198 -15.46 -2.61 12.85
CA VAL A 198 -14.65 -3.81 13.01
C VAL A 198 -13.40 -3.72 12.14
N PHE A 199 -12.23 -3.90 12.76
CA PHE A 199 -10.94 -3.70 12.12
C PHE A 199 -10.04 -4.86 12.56
N LYS A 200 -9.81 -5.82 11.68
CA LYS A 200 -8.99 -6.99 11.97
C LYS A 200 -7.84 -7.09 10.99
N ALA A 201 -6.86 -7.92 11.33
CA ALA A 201 -5.71 -8.19 10.49
C ALA A 201 -5.83 -9.57 9.85
N PHE A 202 -5.51 -9.62 8.56
CA PHE A 202 -5.23 -10.87 7.84
C PHE A 202 -3.73 -11.11 7.96
N VAL A 203 -3.33 -12.17 8.67
CA VAL A 203 -1.92 -12.37 9.05
C VAL A 203 -1.38 -13.56 8.28
N THR A 204 -0.35 -13.32 7.48
CA THR A 204 0.30 -14.38 6.71
C THR A 204 1.80 -14.20 6.77
N LYS A 205 2.52 -15.17 6.22
CA LYS A 205 3.98 -15.13 6.16
C LYS A 205 4.49 -14.76 4.76
N ALA A 206 3.76 -13.89 4.06
CA ALA A 206 4.10 -13.55 2.69
C ALA A 206 5.42 -12.78 2.60
N TYR A 207 6.13 -13.01 1.50
CA TYR A 207 7.32 -12.22 1.18
C TYR A 207 6.97 -10.73 1.14
N PHE A 208 7.78 -9.91 1.81
CA PHE A 208 7.50 -8.48 1.96
C PHE A 208 8.76 -7.66 1.83
N ILE A 209 8.70 -6.60 1.02
CA ILE A 209 9.76 -5.59 1.02
C ILE A 209 9.15 -4.20 0.98
N ASP A 210 9.84 -3.27 1.63
CA ASP A 210 9.51 -1.85 1.63
C ASP A 210 10.71 -1.15 1.03
N ILE A 211 10.54 -0.60 -0.19
CA ILE A 211 11.67 -0.05 -0.94
C ILE A 211 12.26 1.20 -0.31
N GLY A 212 11.58 1.78 0.68
CA GLY A 212 12.18 2.88 1.41
C GLY A 212 13.27 2.44 2.37
N ILE A 213 13.31 1.17 2.73
CA ILE A 213 14.32 0.64 3.64
C ILE A 213 15.52 0.22 2.81
N PRO A 214 16.72 0.75 3.09
CA PRO A 214 17.89 0.41 2.26
C PRO A 214 18.16 -1.09 2.11
N GLU A 215 18.10 -1.83 3.21
CA GLU A 215 18.33 -3.28 3.16
C GLU A 215 17.32 -3.98 2.26
N ASP A 216 16.08 -3.48 2.20
CA ASP A 216 15.08 -4.10 1.35
C ASP A 216 15.33 -3.80 -0.13
N TYR A 217 15.93 -2.65 -0.44
CA TYR A 217 16.37 -2.36 -1.80
C TYR A 217 17.35 -3.42 -2.29
N TYR A 218 18.36 -3.74 -1.48
CA TYR A 218 19.32 -4.77 -1.88
C TYR A 218 18.63 -6.12 -2.02
N LYS A 219 17.76 -6.45 -1.07
CA LYS A 219 16.99 -7.69 -1.14
C LYS A 219 16.19 -7.76 -2.44
N ALA A 220 15.58 -6.65 -2.84
CA ALA A 220 14.75 -6.64 -4.05
C ALA A 220 15.59 -6.85 -5.29
N CYS A 221 16.71 -6.13 -5.40
CA CYS A 221 17.56 -6.25 -6.58
C CYS A 221 18.07 -7.68 -6.75
N GLU A 222 18.36 -8.34 -5.65
CA GLU A 222 18.84 -9.73 -5.67
C GLU A 222 17.70 -10.67 -6.01
N LYS A 223 16.51 -10.41 -5.51
CA LYS A 223 15.38 -11.30 -5.73
C LYS A 223 14.99 -11.35 -7.21
N PHE A 224 15.04 -10.22 -7.89
CA PHE A 224 14.62 -10.15 -9.29
C PHE A 224 15.80 -10.28 -10.25
N LYS A 225 16.72 -11.19 -9.89
CA LYS A 225 17.93 -11.57 -10.64
C LYS A 225 19.02 -10.58 -10.26
MG MG B . 9.00 4.48 4.29
N3B GNH C . 5.17 3.91 4.87
PB GNH C . 5.79 5.44 4.78
O1B GNH C . 5.70 6.15 6.11
O2B GNH C . 7.23 5.40 4.29
O3A GNH C . 5.05 6.35 3.67
PA GNH C . 3.67 7.11 3.78
O1A GNH C . 2.78 6.42 4.82
O2A GNH C . 3.88 8.56 3.93
O5' GNH C . 3.10 6.79 2.37
C5' GNH C . 2.61 5.48 2.03
C4' GNH C . 2.36 5.44 0.55
O4' GNH C . 1.41 6.48 0.21
C3' GNH C . 3.58 5.67 -0.33
O3' GNH C . 3.63 4.78 -1.43
C2' GNH C . 3.46 7.14 -0.76
O2' GNH C . 3.98 7.35 -2.07
C1' GNH C . 1.95 7.37 -0.74
N9 GNH C . 1.57 8.73 -0.33
C8 GNH C . 2.00 9.41 0.78
N7 GNH C . 1.45 10.59 0.90
C5 GNH C . 0.62 10.70 -0.20
C6 GNH C . -0.25 11.76 -0.64
O6 GNH C . -0.42 12.85 -0.11
N1 GNH C . -0.90 11.45 -1.81
C2 GNH C . -0.78 10.27 -2.51
N2 GNH C . -1.50 10.14 -3.62
N3 GNH C . 0.00 9.27 -2.10
C4 GNH C . 0.68 9.56 -0.97
C1 CIT D . 12.57 3.32 6.91
O1 CIT D . 11.48 2.71 6.85
O2 CIT D . 13.37 3.04 7.84
C2 CIT D . 12.93 4.40 5.91
C3 CIT D . 11.68 4.94 5.21
O7 CIT D . 10.97 3.84 4.58
C4 CIT D . 12.13 6.02 4.21
C5 CIT D . 11.01 6.63 3.38
O3 CIT D . 9.89 6.08 3.30
O4 CIT D . 11.20 7.71 2.77
C6 CIT D . 10.76 5.58 6.22
O5 CIT D . 9.51 5.42 6.15
O6 CIT D . 11.25 6.26 7.15
C1 CIT E . 9.32 18.74 -9.02
O1 CIT E . 8.84 19.90 -9.17
O2 CIT E . 10.07 18.49 -8.05
C2 CIT E . 9.03 17.62 -9.97
C3 CIT E . 7.96 17.86 -11.03
O7 CIT E . 7.91 19.25 -11.43
C4 CIT E . 6.58 17.40 -10.55
C5 CIT E . 6.23 17.94 -9.17
O3 CIT E . 6.29 19.17 -8.95
O4 CIT E . 5.86 17.19 -8.24
C6 CIT E . 8.44 17.01 -12.20
O5 CIT E . 7.89 15.92 -12.53
O6 CIT E . 9.47 17.36 -12.82
#